data_8FRT
#
_entry.id   8FRT
#
_cell.length_a   52.386
_cell.length_b   80.503
_cell.length_c   56.082
_cell.angle_alpha   90.00
_cell.angle_beta   113.49
_cell.angle_gamma   90.00
#
_symmetry.space_group_name_H-M   'P 1 21 1'
#
loop_
_entity.id
_entity.type
_entity.pdbx_description
1 polymer 'Unique short US11 glycoprotein, Beta-2-microglobulin, MHC class I HLA-A fusion'
2 non-polymer GLYCEROL
3 water water
#
_entity_poly.entity_id   1
_entity_poly.type   'polypeptide(L)'
_entity_poly.pdbx_seq_one_letter_code
;SMPELSLTLFDEPPPLVETEPLPPLSDGSGGGGAPGSGGGSLGSIQRTPKIQVYSRHPAENGKSNFLNCYVSGFHPSDIE
VDLLKNGERIEKVEHSDLSFSKDWSFYLLYYTEFTPTEKDEYACRVNHVTLSQPKIVKWDRDMRSASGGGGSGGGGSGGG
GSASGGGGDLGSHSMRYFFTSVSRPGRGEPRFIAVGYVDDTQFVRFDSDAASQRMEPRAPWIEQEGPEYWDGETRKVKAH
SQTHRVDLGTLRGYYNQSEAGSHTVQRMYGCDVGSDWRFLRGYHQYAYDGKDYIALKEDLRSWTAADMAAQTTKHKWEAA
HVAEQLRAYLEGTCVEWLRRYLENGKETLQRTDAPKTHMTHHAVSDHEATLRCWALSFYPAEITLTWQRDGEDQTQDTEL
VETRPAGDGTFQKWAAVVVPSGQEQRYTCHVQHEGLPKPLTLRW
;
_entity_poly.pdbx_strand_id   A
#
loop_
_chem_comp.id
_chem_comp.type
_chem_comp.name
_chem_comp.formula
GOL non-polymer GLYCEROL 'C3 H8 O3'
#
# COMPACT_ATOMS: atom_id res chain seq x y z
N SER A 1 -10.76 15.35 9.41
CA SER A 1 -10.55 13.90 9.30
C SER A 1 -9.22 13.45 9.89
N MET A 2 -8.13 14.10 9.45
CA MET A 2 -6.80 13.93 10.04
C MET A 2 -6.79 14.39 11.48
N PRO A 3 -5.89 13.85 12.31
CA PRO A 3 -5.71 14.42 13.65
C PRO A 3 -5.17 15.84 13.52
N GLU A 4 -5.53 16.69 14.47
CA GLU A 4 -5.31 18.13 14.32
C GLU A 4 -3.86 18.52 14.56
N LEU A 5 -3.17 17.84 15.47
CA LEU A 5 -1.88 18.28 15.95
C LEU A 5 -0.92 17.10 16.00
N SER A 6 0.34 17.35 15.66
CA SER A 6 1.40 16.40 15.88
C SER A 6 2.51 17.10 16.65
N LEU A 7 3.03 16.41 17.66
CA LEU A 7 4.08 16.94 18.49
C LEU A 7 5.40 16.33 18.03
N THR A 8 6.45 17.14 18.03
CA THR A 8 7.75 16.67 17.59
C THR A 8 8.33 15.68 18.59
N LEU A 9 9.40 15.01 18.17
CA LEU A 9 9.93 13.88 18.95
C LEU A 9 10.58 14.31 20.25
N PHE A 10 11.22 15.48 20.28
CA PHE A 10 12.09 15.88 21.39
C PHE A 10 11.79 17.31 21.81
N ASP A 11 12.37 17.69 22.94
CA ASP A 11 12.38 19.06 23.41
C ASP A 11 13.61 19.80 22.87
N GLU A 12 13.63 21.10 23.07
CA GLU A 12 14.69 21.94 22.55
C GLU A 12 16.03 21.52 23.15
N PRO A 13 17.02 21.14 22.33
CA PRO A 13 18.34 20.74 22.84
C PRO A 13 19.09 21.90 23.50
N SER A 44 19.86 2.35 8.85
CA SER A 44 19.08 2.61 7.63
C SER A 44 18.86 1.30 6.86
N ILE A 45 17.63 0.81 6.89
CA ILE A 45 17.35 -0.52 6.33
C ILE A 45 17.39 -0.46 4.81
N GLN A 46 17.89 -1.52 4.20
CA GLN A 46 17.95 -1.65 2.75
C GLN A 46 17.14 -2.87 2.34
N ARG A 47 16.07 -2.66 1.57
CA ARG A 47 15.20 -3.73 1.14
C ARG A 47 14.96 -3.61 -0.35
N THR A 48 15.09 -4.71 -1.05
CA THR A 48 15.08 -4.58 -2.49
C THR A 48 13.66 -4.75 -3.04
N PRO A 49 13.32 -4.09 -4.14
CA PRO A 49 11.93 -4.11 -4.60
C PRO A 49 11.56 -5.44 -5.23
N LYS A 50 10.36 -5.91 -4.90
CA LYS A 50 9.70 -6.96 -5.68
C LYS A 50 9.01 -6.30 -6.86
N ILE A 51 8.97 -7.00 -7.99
CA ILE A 51 8.48 -6.42 -9.23
C ILE A 51 7.47 -7.37 -9.87
N GLN A 52 6.31 -6.84 -10.23
CA GLN A 52 5.32 -7.55 -11.03
C GLN A 52 4.93 -6.65 -12.22
N VAL A 53 4.86 -7.26 -13.40
CA VAL A 53 4.57 -6.58 -14.66
C VAL A 53 3.37 -7.30 -15.26
N TYR A 54 2.28 -6.57 -15.47
CA TYR A 54 1.03 -7.22 -15.83
C TYR A 54 0.08 -6.16 -16.38
N SER A 55 -0.93 -6.63 -17.10
CA SER A 55 -1.95 -5.72 -17.59
C SER A 55 -3.11 -5.68 -16.61
N ARG A 56 -3.87 -4.58 -16.66
CA ARG A 56 -5.02 -4.44 -15.78
C ARG A 56 -6.09 -5.46 -16.10
N HIS A 57 -6.35 -5.70 -17.38
CA HIS A 57 -7.34 -6.63 -17.90
C HIS A 57 -6.65 -7.66 -18.78
N PRO A 58 -7.24 -8.84 -18.93
CA PRO A 58 -6.69 -9.81 -19.90
C PRO A 58 -6.35 -9.13 -21.22
N ALA A 59 -5.17 -9.42 -21.73
CA ALA A 59 -4.63 -8.68 -22.86
C ALA A 59 -5.12 -9.27 -24.17
N GLU A 60 -5.78 -8.47 -24.97
CA GLU A 60 -6.21 -8.86 -26.30
C GLU A 60 -5.65 -7.89 -27.31
N ASN A 61 -5.11 -8.40 -28.41
CA ASN A 61 -4.59 -7.54 -29.45
C ASN A 61 -5.68 -6.60 -29.94
N GLY A 62 -5.33 -5.32 -30.04
CA GLY A 62 -6.24 -4.33 -30.56
C GLY A 62 -7.24 -3.77 -29.57
N LYS A 63 -7.22 -4.22 -28.32
CA LYS A 63 -8.16 -3.74 -27.31
C LYS A 63 -7.40 -2.96 -26.25
N SER A 64 -7.76 -1.68 -26.10
CA SER A 64 -7.12 -0.78 -25.15
C SER A 64 -7.08 -1.38 -23.75
N ASN A 65 -5.98 -1.13 -23.05
CA ASN A 65 -5.69 -1.78 -21.77
C ASN A 65 -4.72 -0.87 -21.00
N PHE A 66 -4.27 -1.34 -19.86
CA PHE A 66 -3.27 -0.60 -19.07
C PHE A 66 -2.16 -1.57 -18.69
N LEU A 67 -0.92 -1.12 -18.89
CA LEU A 67 0.27 -1.87 -18.52
C LEU A 67 0.75 -1.40 -17.16
N ASN A 68 0.83 -2.33 -16.20
CA ASN A 68 1.19 -2.03 -14.83
C ASN A 68 2.58 -2.57 -14.53
N CYS A 69 3.34 -1.79 -13.76
CA CYS A 69 4.54 -2.29 -13.10
C CYS A 69 4.39 -1.97 -11.63
N TYR A 70 4.19 -3.00 -10.81
CA TYR A 70 4.01 -2.84 -9.38
C TYR A 70 5.33 -3.16 -8.67
N VAL A 71 5.80 -2.21 -7.86
CA VAL A 71 7.04 -2.39 -7.11
C VAL A 71 6.71 -2.27 -5.63
N SER A 72 7.19 -3.20 -4.82
CA SER A 72 6.76 -3.27 -3.44
C SER A 72 7.88 -3.85 -2.59
N GLY A 73 7.71 -3.73 -1.28
CA GLY A 73 8.69 -4.25 -0.34
C GLY A 73 10.04 -3.60 -0.38
N PHE A 74 10.16 -2.37 -0.87
CA PHE A 74 11.47 -1.74 -0.96
C PHE A 74 11.63 -0.61 0.05
N HIS A 75 12.89 -0.28 0.33
CA HIS A 75 13.25 0.79 1.26
C HIS A 75 14.72 1.11 1.00
N PRO A 76 15.10 2.38 0.93
CA PRO A 76 14.28 3.59 1.10
C PRO A 76 13.36 3.80 -0.09
N SER A 77 12.64 4.91 -0.12
CA SER A 77 11.54 5.10 -1.08
C SER A 77 12.01 5.56 -2.45
N ASP A 78 13.19 6.16 -2.52
CA ASP A 78 13.75 6.58 -3.80
C ASP A 78 13.87 5.37 -4.73
N ILE A 79 13.30 5.48 -5.93
CA ILE A 79 13.33 4.37 -6.86
C ILE A 79 13.12 4.90 -8.28
N GLU A 80 13.69 4.19 -9.26
CA GLU A 80 13.59 4.54 -10.66
C GLU A 80 12.84 3.44 -11.38
N VAL A 81 11.71 3.79 -12.00
CA VAL A 81 10.86 2.81 -12.68
C VAL A 81 10.50 3.36 -14.05
N ASP A 82 10.75 2.58 -15.10
CA ASP A 82 10.39 2.94 -16.46
C ASP A 82 9.69 1.78 -17.12
N LEU A 83 8.60 2.06 -17.81
CA LEU A 83 7.98 1.06 -18.66
C LEU A 83 8.58 1.18 -20.05
N LEU A 84 8.87 0.03 -20.65
CA LEU A 84 9.57 -0.04 -21.92
C LEU A 84 8.67 -0.69 -22.96
N LYS A 85 8.70 -0.15 -24.18
CA LYS A 85 8.00 -0.72 -25.33
C LYS A 85 9.07 -1.02 -26.37
N ASN A 86 9.28 -2.29 -26.67
CA ASN A 86 10.32 -2.68 -27.62
C ASN A 86 11.66 -2.09 -27.23
N GLY A 87 11.89 -1.97 -25.92
CA GLY A 87 13.16 -1.50 -25.39
C GLY A 87 13.27 -0.01 -25.15
N GLU A 88 12.29 0.78 -25.57
CA GLU A 88 12.38 2.25 -25.50
C GLU A 88 11.48 2.77 -24.39
N ARG A 89 11.98 3.75 -23.64
CA ARG A 89 11.24 4.29 -22.50
C ARG A 89 9.92 4.90 -22.96
N ILE A 90 8.83 4.51 -22.29
CA ILE A 90 7.53 5.12 -22.53
C ILE A 90 7.42 6.40 -21.72
N GLU A 91 7.03 7.49 -22.37
CA GLU A 91 7.05 8.79 -21.70
C GLU A 91 5.77 9.06 -20.90
N LYS A 92 4.62 8.60 -21.36
CA LYS A 92 3.36 8.91 -20.70
C LYS A 92 3.05 7.84 -19.66
N VAL A 93 3.85 7.84 -18.60
CA VAL A 93 3.75 6.87 -17.51
C VAL A 93 3.45 7.62 -16.21
N GLU A 94 2.38 7.24 -15.54
CA GLU A 94 2.02 7.80 -14.25
C GLU A 94 2.27 6.79 -13.14
N HIS A 95 2.12 7.24 -11.90
CA HIS A 95 2.34 6.33 -10.79
C HIS A 95 1.50 6.78 -9.61
N SER A 96 1.27 5.83 -8.71
CA SER A 96 0.45 6.01 -7.52
C SER A 96 1.20 6.84 -6.49
N ASP A 97 0.48 7.31 -5.48
CA ASP A 97 1.12 8.05 -4.40
C ASP A 97 1.81 7.09 -3.46
N LEU A 98 3.06 7.41 -3.14
CA LEU A 98 3.87 6.58 -2.25
C LEU A 98 3.10 6.19 -1.00
N SER A 99 3.06 4.89 -0.71
CA SER A 99 2.46 4.39 0.52
C SER A 99 3.31 3.23 1.01
N PHE A 100 2.97 2.69 2.18
CA PHE A 100 3.81 1.64 2.71
C PHE A 100 2.97 0.63 3.48
N SER A 101 3.59 -0.54 3.70
CA SER A 101 2.94 -1.66 4.36
C SER A 101 3.25 -1.64 5.86
N LYS A 102 2.67 -2.61 6.57
CA LYS A 102 2.86 -2.70 8.02
C LYS A 102 4.34 -2.75 8.40
N ASP A 103 5.17 -3.41 7.59
CA ASP A 103 6.60 -3.51 7.92
C ASP A 103 7.39 -2.31 7.44
N TRP A 104 6.71 -1.23 7.06
CA TRP A 104 7.27 0.06 6.65
C TRP A 104 7.83 0.04 5.23
N SER A 105 7.78 -1.09 4.52
CA SER A 105 8.31 -1.11 3.18
C SER A 105 7.32 -0.45 2.23
N PHE A 106 7.86 0.13 1.16
CA PHE A 106 7.08 1.00 0.27
C PHE A 106 6.54 0.20 -0.91
N TYR A 107 5.46 0.72 -1.50
CA TYR A 107 4.95 0.17 -2.75
C TYR A 107 4.41 1.30 -3.62
N LEU A 108 4.59 1.12 -4.93
CA LEU A 108 4.16 2.08 -5.95
C LEU A 108 3.64 1.32 -7.15
N LEU A 109 2.58 1.82 -7.77
CA LEU A 109 2.09 1.31 -9.05
C LEU A 109 2.44 2.33 -10.13
N TYR A 110 3.21 1.88 -11.12
CA TYR A 110 3.46 2.63 -12.35
C TYR A 110 2.60 2.05 -13.48
N TYR A 111 2.01 2.93 -14.28
CA TYR A 111 1.08 2.43 -15.29
C TYR A 111 0.99 3.38 -16.47
N THR A 112 0.61 2.82 -17.61
CA THR A 112 0.37 3.58 -18.83
C THR A 112 -0.76 2.91 -19.59
N GLU A 113 -1.49 3.69 -20.39
CA GLU A 113 -2.49 3.10 -21.26
C GLU A 113 -1.82 2.61 -22.53
N PHE A 114 -2.21 1.41 -22.99
CA PHE A 114 -1.62 0.86 -24.19
C PHE A 114 -2.63 -0.06 -24.87
N THR A 115 -2.37 -0.31 -26.14
CA THR A 115 -3.13 -1.27 -26.94
C THR A 115 -2.18 -2.39 -27.35
N PRO A 116 -2.27 -3.55 -26.71
CA PRO A 116 -1.38 -4.66 -27.10
C PRO A 116 -1.51 -5.01 -28.57
N THR A 117 -0.38 -5.38 -29.18
CA THR A 117 -0.36 -6.01 -30.48
C THR A 117 0.42 -7.31 -30.38
N GLU A 118 0.56 -8.00 -31.51
CA GLU A 118 1.29 -9.26 -31.49
C GLU A 118 2.80 -9.03 -31.43
N LYS A 119 3.29 -8.01 -32.13
CA LYS A 119 4.73 -7.78 -32.23
C LYS A 119 5.29 -7.06 -31.02
N ASP A 120 4.58 -6.05 -30.51
CA ASP A 120 5.16 -5.18 -29.49
C ASP A 120 5.47 -5.95 -28.21
N GLU A 121 6.65 -5.69 -27.67
CA GLU A 121 7.11 -6.26 -26.41
C GLU A 121 7.19 -5.16 -25.35
N TYR A 122 6.80 -5.50 -24.13
CA TYR A 122 6.80 -4.55 -23.03
C TYR A 122 7.56 -5.13 -21.85
N ALA A 123 8.08 -4.24 -21.02
CA ALA A 123 8.86 -4.63 -19.86
C ALA A 123 8.91 -3.45 -18.90
N CYS A 124 9.36 -3.72 -17.69
CA CYS A 124 9.55 -2.72 -16.67
C CYS A 124 11.00 -2.72 -16.23
N ARG A 125 11.62 -1.53 -16.21
CA ARG A 125 13.02 -1.38 -15.81
C ARG A 125 13.06 -0.65 -14.47
N VAL A 126 13.70 -1.26 -13.48
CA VAL A 126 13.72 -0.75 -12.13
C VAL A 126 15.16 -0.54 -11.70
N ASN A 127 15.45 0.63 -11.14
CA ASN A 127 16.72 0.87 -10.47
C ASN A 127 16.45 1.37 -9.07
N HIS A 128 17.30 0.96 -8.14
CA HIS A 128 17.13 1.19 -6.71
C HIS A 128 18.50 1.02 -6.08
N VAL A 129 18.69 1.62 -4.91
CA VAL A 129 20.02 1.62 -4.31
C VAL A 129 20.49 0.20 -4.01
N THR A 130 19.55 -0.73 -3.83
CA THR A 130 19.87 -2.13 -3.56
C THR A 130 20.26 -2.90 -4.80
N LEU A 131 20.08 -2.34 -5.99
CA LEU A 131 20.37 -3.02 -7.25
C LEU A 131 21.69 -2.52 -7.80
N SER A 132 22.61 -3.47 -8.04
CA SER A 132 23.88 -3.12 -8.69
C SER A 132 23.66 -2.66 -10.12
N GLN A 133 22.75 -3.32 -10.83
CA GLN A 133 22.36 -3.00 -12.19
C GLN A 133 20.86 -2.82 -12.23
N PRO A 134 20.34 -2.05 -13.19
CA PRO A 134 18.88 -1.99 -13.34
C PRO A 134 18.32 -3.39 -13.59
N LYS A 135 17.15 -3.64 -13.03
CA LYS A 135 16.45 -4.89 -13.21
C LYS A 135 15.36 -4.68 -14.25
N ILE A 136 15.28 -5.60 -15.22
CA ILE A 136 14.24 -5.55 -16.25
C ILE A 136 13.38 -6.79 -16.11
N VAL A 137 12.08 -6.60 -15.89
CA VAL A 137 11.11 -7.69 -15.86
C VAL A 137 10.24 -7.53 -17.10
N LYS A 138 10.23 -8.57 -17.93
CA LYS A 138 9.45 -8.54 -19.17
C LYS A 138 7.99 -8.85 -18.88
N TRP A 139 7.09 -8.17 -19.59
CA TRP A 139 5.67 -8.53 -19.55
C TRP A 139 5.49 -9.85 -20.27
N ASP A 140 5.23 -10.92 -19.50
CA ASP A 140 5.10 -12.25 -20.06
C ASP A 140 3.70 -12.54 -20.61
N ARG A 141 2.70 -11.77 -20.19
CA ARG A 141 1.37 -11.89 -20.78
C ARG A 141 0.72 -13.24 -20.45
N GLY A 168 -23.71 -7.08 -0.01
CA GLY A 168 -23.50 -6.85 1.40
C GLY A 168 -22.32 -5.96 1.72
N ASP A 169 -22.32 -5.39 2.93
CA ASP A 169 -21.23 -4.55 3.39
C ASP A 169 -20.02 -5.40 3.78
N LEU A 170 -18.82 -4.82 3.64
CA LEU A 170 -17.63 -5.46 4.14
C LEU A 170 -17.81 -5.80 5.62
N GLY A 171 -17.12 -6.85 6.07
CA GLY A 171 -17.26 -7.30 7.44
C GLY A 171 -16.59 -6.42 8.47
N SER A 172 -15.78 -5.46 8.04
CA SER A 172 -15.14 -4.50 8.94
C SER A 172 -14.63 -3.34 8.11
N HIS A 173 -14.27 -2.25 8.79
CA HIS A 173 -13.84 -1.05 8.09
C HIS A 173 -12.70 -0.38 8.82
N SER A 174 -11.90 0.36 8.07
CA SER A 174 -10.75 1.05 8.64
C SER A 174 -10.53 2.37 7.90
N MET A 175 -9.89 3.30 8.61
CA MET A 175 -9.36 4.53 8.02
C MET A 175 -7.90 4.63 8.41
N ARG A 176 -7.04 4.93 7.44
CA ARG A 176 -5.61 4.99 7.64
C ARG A 176 -5.06 6.25 7.01
N TYR A 177 -4.18 6.95 7.72
CA TYR A 177 -3.36 8.00 7.14
C TYR A 177 -1.91 7.56 7.20
N PHE A 178 -1.21 7.65 6.08
CA PHE A 178 0.20 7.33 5.98
C PHE A 178 0.98 8.57 5.57
N PHE A 179 2.06 8.85 6.28
CA PHE A 179 2.91 10.01 6.00
C PHE A 179 4.35 9.55 5.81
N THR A 180 5.01 10.05 4.77
CA THR A 180 6.41 9.77 4.51
C THR A 180 7.15 11.07 4.27
N SER A 181 8.27 11.29 4.97
CA SER A 181 9.14 12.41 4.67
C SER A 181 10.55 11.89 4.41
N VAL A 182 11.15 12.37 3.34
CA VAL A 182 12.52 12.01 2.94
C VAL A 182 13.35 13.28 2.91
N SER A 183 14.38 13.35 3.74
CA SER A 183 15.24 14.54 3.74
C SER A 183 16.01 14.63 2.43
N ARG A 184 16.34 15.87 2.04
CA ARG A 184 17.04 16.15 0.81
C ARG A 184 18.30 16.93 1.17
N PRO A 185 19.42 16.24 1.42
CA PRO A 185 20.66 16.94 1.76
C PRO A 185 21.05 17.94 0.68
N GLY A 186 21.52 19.10 1.10
CA GLY A 186 22.10 20.06 0.20
C GLY A 186 21.21 21.25 -0.10
N ARG A 187 19.89 21.11 0.02
CA ARG A 187 19.00 22.25 -0.17
C ARG A 187 17.54 21.93 0.10
N GLY A 188 16.91 22.75 0.92
CA GLY A 188 15.46 22.75 1.00
C GLY A 188 14.90 21.70 1.93
N GLU A 189 13.59 21.60 1.91
CA GLU A 189 12.83 20.80 2.87
C GLU A 189 12.71 19.37 2.38
N PRO A 190 12.27 18.47 3.26
CA PRO A 190 12.08 17.07 2.85
C PRO A 190 10.94 16.92 1.85
N ARG A 191 11.08 15.90 1.01
CA ARG A 191 9.92 15.42 0.26
C ARG A 191 8.92 14.84 1.25
N PHE A 192 7.66 15.26 1.13
CA PHE A 192 6.61 14.85 2.06
C PHE A 192 5.42 14.37 1.26
N ILE A 193 5.04 13.10 1.46
CA ILE A 193 3.90 12.52 0.75
C ILE A 193 2.96 11.92 1.79
N ALA A 194 1.72 12.38 1.78
CA ALA A 194 0.68 11.86 2.67
C ALA A 194 -0.45 11.28 1.84
N VAL A 195 -0.97 10.13 2.27
CA VAL A 195 -2.14 9.53 1.64
C VAL A 195 -3.12 9.10 2.72
N GLY A 196 -4.40 9.15 2.39
CA GLY A 196 -5.44 8.66 3.28
C GLY A 196 -6.23 7.54 2.62
N TYR A 197 -6.59 6.54 3.42
CA TYR A 197 -7.35 5.38 2.95
C TYR A 197 -8.60 5.14 3.80
N VAL A 198 -9.69 4.75 3.13
CA VAL A 198 -10.80 4.03 3.75
C VAL A 198 -10.74 2.62 3.19
N ASP A 199 -10.61 1.63 4.07
CA ASP A 199 -10.45 0.24 3.63
C ASP A 199 -9.28 0.21 2.65
N ASP A 200 -9.44 -0.37 1.46
CA ASP A 200 -8.36 -0.40 0.48
C ASP A 200 -8.51 0.68 -0.59
N THR A 201 -9.22 1.77 -0.28
CA THR A 201 -9.53 2.82 -1.24
C THR A 201 -8.82 4.11 -0.84
N GLN A 202 -7.87 4.56 -1.63
CA GLN A 202 -7.25 5.85 -1.33
C GLN A 202 -8.25 6.94 -1.62
N PHE A 203 -8.35 7.95 -0.74
CA PHE A 203 -9.31 9.01 -0.97
C PHE A 203 -8.75 10.42 -0.88
N VAL A 204 -7.55 10.61 -0.33
CA VAL A 204 -6.93 11.93 -0.33
C VAL A 204 -5.42 11.76 -0.44
N ARG A 205 -4.74 12.83 -0.83
CA ARG A 205 -3.29 12.80 -0.85
C ARG A 205 -2.74 14.22 -0.77
N PHE A 206 -1.51 14.31 -0.28
CA PHE A 206 -0.74 15.54 -0.34
C PHE A 206 0.66 15.16 -0.78
N ASP A 207 1.18 15.86 -1.78
CA ASP A 207 2.55 15.65 -2.24
C ASP A 207 3.24 17.00 -2.28
N SER A 208 4.32 17.14 -1.49
CA SER A 208 5.02 18.43 -1.40
C SER A 208 5.57 18.88 -2.75
N ASP A 209 5.84 17.95 -3.66
CA ASP A 209 6.36 18.29 -4.98
C ASP A 209 5.27 18.72 -5.95
N ALA A 210 4.00 18.52 -5.60
CA ALA A 210 2.90 18.92 -6.46
C ALA A 210 2.68 20.44 -6.38
N ALA A 211 2.02 20.98 -7.39
CA ALA A 211 1.94 22.42 -7.52
C ALA A 211 0.90 23.04 -6.60
N SER A 212 -0.15 22.30 -6.26
CA SER A 212 -1.28 22.91 -5.55
C SER A 212 -0.95 23.23 -4.11
N GLN A 213 -0.03 22.48 -3.49
CA GLN A 213 0.21 22.57 -2.05
C GLN A 213 -1.10 22.47 -1.27
N ARG A 214 -1.99 21.60 -1.75
CA ARG A 214 -3.28 21.38 -1.12
C ARG A 214 -3.48 19.89 -0.90
N MET A 215 -4.20 19.53 0.16
CA MET A 215 -4.76 18.19 0.19
C MET A 215 -5.69 18.05 -1.01
N GLU A 216 -5.59 16.91 -1.71
CA GLU A 216 -6.36 16.74 -2.92
C GLU A 216 -7.21 15.48 -2.86
N PRO A 217 -8.34 15.49 -3.56
CA PRO A 217 -9.21 14.30 -3.59
C PRO A 217 -8.66 13.21 -4.50
N ARG A 218 -8.89 11.96 -4.09
CA ARG A 218 -8.56 10.82 -4.93
C ARG A 218 -9.70 9.80 -5.02
N ALA A 219 -10.82 10.06 -4.38
CA ALA A 219 -12.03 9.29 -4.59
C ALA A 219 -13.18 10.24 -4.92
N PRO A 220 -14.12 9.80 -5.75
CA PRO A 220 -15.24 10.70 -6.10
C PRO A 220 -16.04 11.14 -4.89
N TRP A 221 -16.25 10.26 -3.92
CA TRP A 221 -17.14 10.55 -2.80
C TRP A 221 -16.54 11.51 -1.76
N ILE A 222 -15.25 11.80 -1.84
CA ILE A 222 -14.70 12.83 -0.97
C ILE A 222 -14.88 14.22 -1.57
N GLU A 223 -15.16 14.30 -2.88
CA GLU A 223 -15.32 15.61 -3.51
C GLU A 223 -16.54 16.36 -2.99
N GLN A 224 -17.49 15.67 -2.36
CA GLN A 224 -18.63 16.36 -1.78
C GLN A 224 -18.21 17.35 -0.71
N GLU A 225 -17.14 17.06 0.04
CA GLU A 225 -16.77 17.89 1.17
C GLU A 225 -16.47 19.32 0.72
N GLY A 226 -16.88 20.29 1.54
CA GLY A 226 -16.80 21.68 1.17
C GLY A 226 -15.42 22.26 1.35
N PRO A 227 -15.29 23.53 0.95
CA PRO A 227 -13.97 24.19 1.04
C PRO A 227 -13.39 24.16 2.44
N GLU A 228 -14.24 24.26 3.47
CA GLU A 228 -13.73 24.21 4.84
C GLU A 228 -12.97 22.91 5.08
N TYR A 229 -13.49 21.80 4.56
CA TYR A 229 -12.81 20.53 4.71
C TYR A 229 -11.42 20.57 4.07
N TRP A 230 -11.33 21.05 2.84
CA TRP A 230 -10.03 21.03 2.18
C TRP A 230 -9.05 22.02 2.81
N ASP A 231 -9.55 23.16 3.30
CA ASP A 231 -8.69 24.07 4.04
C ASP A 231 -8.15 23.40 5.31
N GLY A 232 -9.02 22.74 6.06
CA GLY A 232 -8.59 22.11 7.31
C GLY A 232 -7.63 20.97 7.09
N GLU A 233 -7.90 20.10 6.11
CA GLU A 233 -6.98 19.00 5.85
C GLU A 233 -5.64 19.52 5.33
N THR A 234 -5.69 20.57 4.51
CA THR A 234 -4.46 21.19 4.02
C THR A 234 -3.65 21.77 5.17
N ARG A 235 -4.30 22.51 6.07
CA ARG A 235 -3.60 23.07 7.22
C ARG A 235 -2.97 21.98 8.09
N LYS A 236 -3.74 20.93 8.39
CA LYS A 236 -3.23 19.88 9.26
C LYS A 236 -2.10 19.10 8.61
N VAL A 237 -2.25 18.74 7.32
CA VAL A 237 -1.22 17.94 6.67
C VAL A 237 0.08 18.73 6.53
N LYS A 238 -0.01 20.04 6.28
CA LYS A 238 1.22 20.84 6.21
C LYS A 238 1.87 20.94 7.58
N ALA A 239 1.07 21.02 8.64
CA ALA A 239 1.64 21.03 9.98
C ALA A 239 2.32 19.71 10.28
N HIS A 240 1.72 18.59 9.86
CA HIS A 240 2.41 17.31 10.03
C HIS A 240 3.72 17.27 9.27
N SER A 241 3.76 17.88 8.08
CA SER A 241 5.00 17.82 7.32
C SER A 241 6.11 18.59 8.03
N GLN A 242 5.75 19.66 8.75
CA GLN A 242 6.76 20.41 9.50
C GLN A 242 7.23 19.63 10.73
N THR A 243 6.32 18.91 11.38
CA THR A 243 6.76 18.03 12.47
C THR A 243 7.85 17.08 11.98
N HIS A 244 7.63 16.46 10.81
CA HIS A 244 8.62 15.53 10.27
C HIS A 244 9.90 16.25 9.89
N ARG A 245 9.81 17.48 9.39
CA ARG A 245 11.02 18.23 9.06
C ARG A 245 11.89 18.41 10.30
N VAL A 246 11.28 18.86 11.40
CA VAL A 246 12.01 18.99 12.65
C VAL A 246 12.58 17.65 13.06
N ASP A 247 11.73 16.61 13.03
CA ASP A 247 12.09 15.29 13.51
C ASP A 247 13.30 14.74 12.76
N LEU A 248 13.31 14.88 11.43
CA LEU A 248 14.46 14.39 10.67
C LEU A 248 15.75 15.06 11.12
N GLY A 249 15.71 16.36 11.42
CA GLY A 249 16.92 17.04 11.86
C GLY A 249 17.38 16.62 13.24
N THR A 250 16.45 16.46 14.18
CA THR A 250 16.86 16.09 15.52
C THR A 250 17.31 14.63 15.59
N LEU A 251 16.68 13.76 14.81
CA LEU A 251 17.11 12.36 14.77
C LEU A 251 18.51 12.24 14.19
N ARG A 252 18.78 12.96 13.10
CA ARG A 252 20.15 13.01 12.58
C ARG A 252 21.13 13.42 13.68
N GLY A 253 20.74 14.41 14.50
CA GLY A 253 21.60 14.85 15.58
C GLY A 253 21.71 13.85 16.71
N TYR A 254 20.63 13.11 17.01
CA TYR A 254 20.72 12.10 18.06
C TYR A 254 21.63 10.95 17.65
N TYR A 255 21.56 10.54 16.38
CA TYR A 255 22.34 9.39 15.93
C TYR A 255 23.67 9.78 15.32
N ASN A 256 24.01 11.07 15.33
CA ASN A 256 25.32 11.53 14.85
C ASN A 256 25.57 11.10 13.41
N GLN A 257 24.55 11.20 12.58
CA GLN A 257 24.65 10.91 11.17
C GLN A 257 25.02 12.18 10.42
N SER A 258 25.71 12.01 9.30
CA SER A 258 26.18 13.20 8.58
C SER A 258 25.00 13.88 7.88
N GLU A 259 25.17 15.18 7.64
CA GLU A 259 24.19 15.95 6.89
C GLU A 259 24.13 15.53 5.43
N ALA A 260 25.08 14.74 4.94
CA ALA A 260 25.10 14.39 3.52
C ALA A 260 24.18 13.24 3.15
N GLY A 261 23.64 12.52 4.14
CA GLY A 261 22.82 11.35 3.89
C GLY A 261 21.34 11.65 3.96
N SER A 262 20.58 10.96 3.12
CA SER A 262 19.13 11.11 3.12
C SER A 262 18.52 10.08 4.07
N HIS A 263 17.57 10.54 4.89
CA HIS A 263 16.89 9.67 5.83
C HIS A 263 15.38 9.85 5.70
N THR A 264 14.65 8.94 6.33
CA THR A 264 13.21 8.85 6.16
C THR A 264 12.53 8.77 7.51
N VAL A 265 11.40 9.45 7.65
CA VAL A 265 10.47 9.16 8.74
C VAL A 265 9.14 8.74 8.12
N GLN A 266 8.47 7.81 8.77
CA GLN A 266 7.16 7.35 8.35
C GLN A 266 6.23 7.34 9.55
N ARG A 267 5.01 7.83 9.33
CA ARG A 267 4.02 7.88 10.39
C ARG A 267 2.72 7.28 9.88
N MET A 268 2.01 6.55 10.74
CA MET A 268 0.66 6.12 10.40
C MET A 268 -0.28 6.34 11.58
N TYR A 269 -1.53 6.63 11.26
CA TYR A 269 -2.65 6.74 12.19
C TYR A 269 -3.76 5.92 11.58
N GLY A 270 -4.61 5.36 12.42
CA GLY A 270 -5.81 4.75 11.88
C GLY A 270 -6.73 4.25 12.96
N CYS A 271 -7.96 3.96 12.55
CA CYS A 271 -8.92 3.26 13.39
C CYS A 271 -9.53 2.12 12.60
N ASP A 272 -9.88 1.05 13.30
CA ASP A 272 -10.65 -0.07 12.77
C ASP A 272 -12.01 -0.07 13.43
N VAL A 273 -13.04 -0.44 12.67
CA VAL A 273 -14.37 -0.68 13.22
C VAL A 273 -14.83 -2.06 12.72
N GLY A 274 -15.68 -2.69 13.52
CA GLY A 274 -16.23 -3.98 13.16
C GLY A 274 -17.43 -3.85 12.24
N SER A 275 -18.08 -4.99 12.02
CA SER A 275 -19.25 -5.06 11.14
C SER A 275 -20.37 -4.11 11.56
N ASP A 276 -20.40 -3.70 12.83
CA ASP A 276 -21.37 -2.71 13.29
C ASP A 276 -20.88 -1.29 13.15
N TRP A 277 -19.70 -1.09 12.56
CA TRP A 277 -19.04 0.21 12.43
C TRP A 277 -18.70 0.83 13.79
N ARG A 278 -18.65 0.03 14.85
CA ARG A 278 -18.22 0.56 16.15
C ARG A 278 -16.72 0.36 16.32
N PHE A 279 -16.12 1.23 17.12
CA PHE A 279 -14.67 1.21 17.32
C PHE A 279 -14.16 -0.16 17.74
N LEU A 280 -13.13 -0.62 17.05
CA LEU A 280 -12.45 -1.89 17.29
C LEU A 280 -11.01 -1.74 17.70
N ARG A 281 -10.27 -0.81 17.08
CA ARG A 281 -8.83 -0.71 17.29
C ARG A 281 -8.36 0.65 16.81
N GLY A 282 -7.40 1.22 17.51
CA GLY A 282 -6.73 2.42 17.05
C GLY A 282 -5.24 2.19 17.01
N TYR A 283 -4.58 2.93 16.12
CA TYR A 283 -3.17 2.75 15.85
C TYR A 283 -2.49 4.10 15.67
N HIS A 284 -1.25 4.17 16.11
CA HIS A 284 -0.38 5.29 15.76
C HIS A 284 1.04 4.80 15.87
N GLN A 285 1.79 4.85 14.77
CA GLN A 285 3.14 4.30 14.76
C GLN A 285 4.06 5.21 13.95
N TYR A 286 5.33 5.24 14.35
CA TYR A 286 6.33 6.14 13.80
C TYR A 286 7.61 5.34 13.59
N ALA A 287 8.23 5.50 12.42
CA ALA A 287 9.45 4.77 12.09
C ALA A 287 10.51 5.72 11.56
N TYR A 288 11.76 5.43 11.90
CA TYR A 288 12.92 6.14 11.38
C TYR A 288 13.78 5.16 10.58
N ASP A 289 14.08 5.53 9.34
CA ASP A 289 14.92 4.75 8.43
C ASP A 289 14.39 3.33 8.27
N GLY A 290 13.06 3.21 8.26
CA GLY A 290 12.42 1.94 7.99
C GLY A 290 12.33 1.01 9.17
N LYS A 291 12.68 1.50 10.36
CA LYS A 291 12.70 0.69 11.57
C LYS A 291 11.74 1.29 12.59
N ASP A 292 11.07 0.42 13.35
CA ASP A 292 10.23 0.89 14.44
C ASP A 292 10.95 1.98 15.23
N TYR A 293 10.22 3.04 15.55
CA TYR A 293 10.70 4.06 16.48
C TYR A 293 9.81 4.10 17.71
N ILE A 294 8.54 4.51 17.57
CA ILE A 294 7.61 4.52 18.69
C ILE A 294 6.24 4.19 18.14
N ALA A 295 5.47 3.47 18.97
CA ALA A 295 4.13 3.07 18.61
C ALA A 295 3.25 3.21 19.84
N LEU A 296 2.04 3.71 19.60
CA LEU A 296 1.00 3.68 20.63
C LEU A 296 0.55 2.25 20.83
N LYS A 297 0.36 1.86 22.08
CA LYS A 297 -0.04 0.49 22.35
C LYS A 297 -1.55 0.33 22.16
N GLU A 298 -1.97 -0.93 22.13
CA GLU A 298 -3.36 -1.30 21.93
C GLU A 298 -4.30 -0.54 22.87
N ASP A 299 -3.88 -0.36 24.13
CA ASP A 299 -4.77 0.30 25.10
C ASP A 299 -4.90 1.80 24.86
N LEU A 300 -4.16 2.35 23.88
CA LEU A 300 -4.21 3.77 23.53
C LEU A 300 -3.81 4.68 24.69
N ARG A 301 -3.07 4.17 25.68
CA ARG A 301 -2.68 4.94 26.86
C ARG A 301 -1.22 4.77 27.23
N SER A 302 -0.43 4.10 26.41
CA SER A 302 0.98 3.88 26.71
C SER A 302 1.70 3.67 25.38
N TRP A 303 3.03 3.67 25.43
CA TRP A 303 3.84 3.65 24.22
C TRP A 303 4.84 2.52 24.25
N THR A 304 5.20 2.06 23.05
CA THR A 304 6.31 1.13 22.87
C THR A 304 7.43 1.90 22.16
N ALA A 305 8.51 2.15 22.90
CA ALA A 305 9.70 2.81 22.39
C ALA A 305 10.74 1.75 22.06
N ALA A 306 11.27 1.79 20.83
CA ALA A 306 12.16 0.74 20.36
C ALA A 306 13.60 0.95 20.86
N ASP A 307 14.03 2.18 21.07
CA ASP A 307 15.38 2.47 21.49
C ASP A 307 15.38 3.67 22.43
N MET A 308 16.56 4.09 22.85
CA MET A 308 16.63 5.13 23.87
C MET A 308 16.24 6.50 23.34
N ALA A 309 16.38 6.75 22.03
CA ALA A 309 15.84 8.00 21.49
C ALA A 309 14.32 8.00 21.59
N ALA A 310 13.68 6.90 21.19
CA ALA A 310 12.23 6.80 21.30
C ALA A 310 11.79 6.83 22.75
N GLN A 311 12.64 6.34 23.66
CA GLN A 311 12.32 6.41 25.09
C GLN A 311 12.26 7.84 25.59
N THR A 312 13.17 8.69 25.09
CA THR A 312 13.08 10.13 25.39
C THR A 312 11.80 10.72 24.81
N THR A 313 11.41 10.29 23.62
CA THR A 313 10.16 10.75 23.03
C THR A 313 8.97 10.30 23.86
N LYS A 314 8.98 9.03 24.29
CA LYS A 314 7.91 8.53 25.14
C LYS A 314 7.73 9.39 26.39
N HIS A 315 8.83 9.84 26.97
CA HIS A 315 8.76 10.71 28.13
C HIS A 315 8.19 12.08 27.76
N LYS A 316 8.63 12.65 26.64
CA LYS A 316 8.08 13.95 26.21
C LYS A 316 6.59 13.84 25.89
N TRP A 317 6.19 12.76 25.22
CA TRP A 317 4.78 12.61 24.87
C TRP A 317 3.92 12.21 26.07
N GLU A 318 4.49 11.48 27.03
CA GLU A 318 3.74 11.18 28.24
C GLU A 318 3.45 12.44 29.03
N ALA A 319 4.48 13.26 29.25
CA ALA A 319 4.29 14.50 30.02
C ALA A 319 3.30 15.44 29.35
N ALA A 320 3.18 15.38 28.02
CA ALA A 320 2.26 16.24 27.27
C ALA A 320 0.91 15.57 27.00
N HIS A 321 0.67 14.39 27.58
CA HIS A 321 -0.61 13.69 27.46
C HIS A 321 -1.00 13.50 26.00
N VAL A 322 0.00 13.19 25.16
CA VAL A 322 -0.28 12.89 23.76
C VAL A 322 -1.28 11.75 23.64
N ALA A 323 -1.06 10.66 24.39
CA ALA A 323 -1.91 9.49 24.25
C ALA A 323 -3.37 9.82 24.59
N GLU A 324 -3.58 10.62 25.63
CA GLU A 324 -4.94 11.02 25.98
C GLU A 324 -5.62 11.73 24.82
N GLN A 325 -4.90 12.64 24.15
CA GLN A 325 -5.48 13.36 23.02
C GLN A 325 -5.66 12.47 21.82
N LEU A 326 -4.72 11.55 21.59
CA LEU A 326 -4.84 10.63 20.46
C LEU A 326 -5.98 9.64 20.70
N ARG A 327 -6.17 9.19 21.94
CA ARG A 327 -7.26 8.27 22.20
C ARG A 327 -8.60 8.87 21.82
N ALA A 328 -8.82 10.15 22.17
CA ALA A 328 -10.06 10.82 21.81
C ALA A 328 -10.25 10.86 20.30
N TYR A 329 -9.18 11.12 19.56
CA TYR A 329 -9.26 11.14 18.11
C TYR A 329 -9.53 9.75 17.56
N LEU A 330 -8.72 8.77 17.96
CA LEU A 330 -8.85 7.42 17.40
C LEU A 330 -10.17 6.78 17.79
N GLU A 331 -10.64 7.04 19.02
CA GLU A 331 -11.87 6.45 19.52
C GLU A 331 -13.10 7.17 19.04
N GLY A 332 -13.00 8.47 18.79
CA GLY A 332 -14.16 9.26 18.43
C GLY A 332 -14.07 9.83 17.03
N THR A 333 -13.37 10.97 16.89
CA THR A 333 -13.25 11.66 15.61
C THR A 333 -13.01 10.71 14.46
N CYS A 334 -11.99 9.84 14.59
CA CYS A 334 -11.60 8.96 13.51
C CYS A 334 -12.77 8.09 13.07
N VAL A 335 -13.45 7.47 14.04
CA VAL A 335 -14.57 6.58 13.72
C VAL A 335 -15.72 7.37 13.13
N GLU A 336 -15.99 8.57 13.65
CA GLU A 336 -17.10 9.36 13.15
C GLU A 336 -16.90 9.74 11.68
N TRP A 337 -15.68 10.11 11.31
CA TRP A 337 -15.41 10.45 9.92
C TRP A 337 -15.39 9.20 9.05
N LEU A 338 -14.86 8.09 9.56
CA LEU A 338 -14.96 6.83 8.86
C LEU A 338 -16.42 6.53 8.50
N ARG A 339 -17.32 6.63 9.48
CA ARG A 339 -18.72 6.33 9.22
C ARG A 339 -19.32 7.31 8.21
N ARG A 340 -18.94 8.59 8.31
CA ARG A 340 -19.39 9.57 7.33
C ARG A 340 -18.93 9.21 5.93
N TYR A 341 -17.65 8.86 5.79
CA TYR A 341 -17.14 8.46 4.48
C TYR A 341 -17.83 7.20 3.96
N LEU A 342 -18.05 6.21 4.84
CA LEU A 342 -18.69 4.99 4.41
C LEU A 342 -20.11 5.26 3.91
N GLU A 343 -20.79 6.23 4.51
CA GLU A 343 -22.14 6.54 4.07
C GLU A 343 -22.13 7.29 2.75
N ASN A 344 -21.21 8.25 2.59
CA ASN A 344 -21.17 9.04 1.37
C ASN A 344 -20.63 8.24 0.19
N GLY A 345 -19.73 7.30 0.44
CA GLY A 345 -19.18 6.49 -0.63
C GLY A 345 -19.84 5.12 -0.73
N LYS A 346 -21.01 4.98 -0.10
CA LYS A 346 -21.73 3.72 0.04
C LYS A 346 -21.70 2.85 -1.22
N GLU A 347 -21.93 3.45 -2.39
CA GLU A 347 -22.06 2.66 -3.62
C GLU A 347 -20.84 1.76 -3.82
N THR A 348 -19.65 2.24 -3.48
CA THR A 348 -18.42 1.47 -3.62
C THR A 348 -17.85 1.00 -2.30
N LEU A 349 -17.80 1.88 -1.29
CA LEU A 349 -17.13 1.53 -0.04
C LEU A 349 -17.83 0.39 0.69
N GLN A 350 -19.14 0.24 0.49
CA GLN A 350 -19.92 -0.80 1.14
C GLN A 350 -20.21 -1.97 0.23
N ARG A 351 -19.54 -2.04 -0.92
CA ARG A 351 -19.75 -3.09 -1.91
C ARG A 351 -18.54 -4.01 -1.91
N THR A 352 -18.77 -5.31 -1.76
CA THR A 352 -17.72 -6.28 -2.02
C THR A 352 -17.78 -6.70 -3.48
N ASP A 353 -16.62 -6.79 -4.10
CA ASP A 353 -16.47 -7.29 -5.46
C ASP A 353 -15.82 -8.67 -5.40
N ALA A 354 -16.61 -9.71 -5.61
CA ALA A 354 -16.09 -11.06 -5.54
C ALA A 354 -15.02 -11.26 -6.62
N PRO A 355 -14.02 -12.11 -6.37
CA PRO A 355 -13.00 -12.35 -7.39
C PRO A 355 -13.58 -13.03 -8.62
N LYS A 356 -13.14 -12.57 -9.78
CA LYS A 356 -13.42 -13.26 -11.04
C LYS A 356 -12.28 -14.26 -11.24
N THR A 357 -12.62 -15.55 -11.24
CA THR A 357 -11.60 -16.59 -11.15
C THR A 357 -11.59 -17.44 -12.42
N HIS A 358 -10.39 -17.90 -12.78
CA HIS A 358 -10.25 -18.88 -13.85
C HIS A 358 -8.90 -19.56 -13.66
N MET A 359 -8.66 -20.58 -14.46
CA MET A 359 -7.44 -21.35 -14.37
C MET A 359 -6.73 -21.34 -15.72
N THR A 360 -5.41 -21.23 -15.69
CA THR A 360 -4.60 -21.43 -16.88
C THR A 360 -3.71 -22.66 -16.70
N HIS A 361 -3.32 -23.24 -17.84
CA HIS A 361 -2.51 -24.45 -17.87
C HIS A 361 -1.28 -24.16 -18.73
N HIS A 362 -0.10 -24.39 -18.16
CA HIS A 362 1.16 -24.15 -18.83
C HIS A 362 1.99 -25.41 -18.72
N ALA A 363 2.38 -25.96 -19.87
CA ALA A 363 3.21 -27.16 -19.92
C ALA A 363 4.65 -26.73 -20.20
N VAL A 364 5.54 -26.93 -19.23
CA VAL A 364 6.95 -26.61 -19.46
C VAL A 364 7.71 -27.78 -20.04
N SER A 365 7.23 -29.00 -19.85
CA SER A 365 7.81 -30.20 -20.42
C SER A 365 6.68 -31.18 -20.72
N ASP A 366 7.07 -32.35 -21.23
CA ASP A 366 6.06 -33.39 -21.50
C ASP A 366 5.50 -33.98 -20.21
N HIS A 367 6.30 -33.99 -19.14
CA HIS A 367 5.93 -34.63 -17.90
C HIS A 367 5.51 -33.66 -16.80
N GLU A 368 5.57 -32.35 -17.06
CA GLU A 368 5.36 -31.36 -16.01
C GLU A 368 4.42 -30.28 -16.54
N ALA A 369 3.42 -29.91 -15.74
CA ALA A 369 2.53 -28.81 -16.10
C ALA A 369 2.35 -27.89 -14.90
N THR A 370 2.10 -26.62 -15.18
CA THR A 370 1.79 -25.63 -14.16
C THR A 370 0.33 -25.25 -14.28
N LEU A 371 -0.39 -25.34 -13.17
CA LEU A 371 -1.76 -24.84 -13.09
C LEU A 371 -1.74 -23.53 -12.33
N ARG A 372 -2.33 -22.49 -12.92
CA ARG A 372 -2.38 -21.19 -12.27
C ARG A 372 -3.84 -20.85 -11.98
N CYS A 373 -4.11 -20.50 -10.73
CA CYS A 373 -5.45 -20.11 -10.31
C CYS A 373 -5.47 -18.60 -10.18
N TRP A 374 -6.32 -17.95 -10.96
CA TRP A 374 -6.35 -16.50 -11.07
C TRP A 374 -7.56 -15.94 -10.33
N ALA A 375 -7.33 -14.88 -9.55
CA ALA A 375 -8.39 -14.12 -8.91
C ALA A 375 -8.24 -12.66 -9.33
N LEU A 376 -9.23 -12.15 -10.05
CA LEU A 376 -9.13 -10.84 -10.69
C LEU A 376 -10.26 -9.93 -10.23
N SER A 377 -10.01 -8.62 -10.26
CA SER A 377 -11.08 -7.63 -10.13
C SER A 377 -11.82 -7.74 -8.80
N PHE A 378 -11.13 -8.09 -7.70
CA PHE A 378 -11.85 -8.24 -6.44
C PHE A 378 -11.58 -7.05 -5.51
N TYR A 379 -12.48 -6.89 -4.56
CA TYR A 379 -12.38 -5.85 -3.55
C TYR A 379 -13.19 -6.26 -2.33
N PRO A 380 -12.64 -6.13 -1.11
CA PRO A 380 -11.32 -5.59 -0.74
C PRO A 380 -10.14 -6.50 -1.10
N ALA A 381 -8.93 -6.10 -0.71
CA ALA A 381 -7.72 -6.82 -1.13
C ALA A 381 -7.54 -8.17 -0.43
N GLU A 382 -8.05 -8.31 0.80
CA GLU A 382 -7.87 -9.55 1.54
C GLU A 382 -8.50 -10.72 0.79
N ILE A 383 -7.73 -11.78 0.59
CA ILE A 383 -8.20 -12.95 -0.15
C ILE A 383 -7.29 -14.11 0.21
N THR A 384 -7.83 -15.33 0.11
CA THR A 384 -7.03 -16.54 0.32
C THR A 384 -7.18 -17.47 -0.86
N LEU A 385 -6.06 -17.88 -1.45
CA LEU A 385 -6.04 -18.87 -2.50
C LEU A 385 -5.26 -20.06 -1.99
N THR A 386 -5.85 -21.24 -2.03
CA THR A 386 -5.17 -22.44 -1.58
C THR A 386 -5.37 -23.55 -2.61
N TRP A 387 -4.43 -24.49 -2.61
CA TRP A 387 -4.54 -25.67 -3.46
C TRP A 387 -4.81 -26.90 -2.62
N GLN A 388 -5.65 -27.78 -3.15
CA GLN A 388 -5.80 -29.11 -2.60
C GLN A 388 -5.47 -30.14 -3.66
N ARG A 389 -5.01 -31.30 -3.21
CA ARG A 389 -4.82 -32.45 -4.08
C ARG A 389 -5.62 -33.60 -3.49
N ASP A 390 -6.38 -34.29 -4.33
CA ASP A 390 -7.29 -35.34 -3.86
C ASP A 390 -8.05 -34.89 -2.62
N GLY A 391 -8.43 -33.61 -2.59
CA GLY A 391 -9.27 -33.09 -1.52
C GLY A 391 -8.56 -32.84 -0.21
N GLU A 392 -7.23 -32.72 -0.22
CA GLU A 392 -6.44 -32.47 0.98
C GLU A 392 -5.45 -31.36 0.68
N ASP A 393 -5.16 -30.55 1.71
CA ASP A 393 -4.33 -29.37 1.48
C ASP A 393 -3.01 -29.77 0.83
N GLN A 394 -2.57 -28.95 -0.11
CA GLN A 394 -1.27 -29.08 -0.75
C GLN A 394 -0.55 -27.75 -0.67
N THR A 395 0.65 -27.77 -0.10
CA THR A 395 1.53 -26.61 -0.08
C THR A 395 2.84 -26.84 -0.80
N GLN A 396 3.35 -28.07 -0.76
CA GLN A 396 4.49 -28.45 -1.59
C GLN A 396 4.27 -28.03 -3.04
N ASP A 397 5.31 -27.47 -3.65
CA ASP A 397 5.32 -27.21 -5.09
C ASP A 397 4.26 -26.18 -5.50
N THR A 398 3.93 -25.26 -4.63
CA THR A 398 3.01 -24.17 -4.94
C THR A 398 3.75 -22.84 -4.90
N GLU A 399 3.19 -21.85 -5.62
CA GLU A 399 3.72 -20.50 -5.64
C GLU A 399 2.56 -19.52 -5.56
N LEU A 400 2.72 -18.50 -4.73
CA LEU A 400 1.67 -17.51 -4.48
C LEU A 400 2.27 -16.13 -4.69
N VAL A 401 1.61 -15.28 -5.51
CA VAL A 401 2.14 -13.93 -5.68
C VAL A 401 1.52 -13.02 -4.64
N GLU A 402 2.26 -11.96 -4.33
CA GLU A 402 1.72 -10.88 -3.54
C GLU A 402 0.51 -10.28 -4.24
N THR A 403 -0.54 -10.01 -3.46
CA THR A 403 -1.73 -9.36 -4.01
C THR A 403 -1.35 -7.99 -4.55
N ARG A 404 -1.87 -7.65 -5.73
CA ARG A 404 -1.43 -6.44 -6.40
C ARG A 404 -2.62 -5.64 -6.91
N PRO A 405 -2.44 -4.33 -7.10
CA PRO A 405 -3.54 -3.50 -7.58
C PRO A 405 -3.67 -3.58 -9.10
N ALA A 406 -4.91 -3.70 -9.57
CA ALA A 406 -5.18 -3.63 -11.00
C ALA A 406 -5.06 -2.20 -11.53
N GLY A 407 -5.29 -1.20 -10.68
CA GLY A 407 -5.25 0.19 -11.08
C GLY A 407 -6.62 0.84 -11.21
N ASP A 408 -7.69 0.05 -11.15
CA ASP A 408 -9.05 0.55 -11.25
C ASP A 408 -9.78 0.45 -9.91
N GLY A 409 -9.04 0.27 -8.81
CA GLY A 409 -9.60 0.11 -7.50
C GLY A 409 -9.70 -1.33 -7.04
N THR A 410 -9.59 -2.29 -7.95
CA THR A 410 -9.68 -3.71 -7.61
C THR A 410 -8.29 -4.32 -7.51
N PHE A 411 -8.25 -5.58 -7.10
CA PHE A 411 -7.00 -6.26 -6.81
C PHE A 411 -6.92 -7.56 -7.59
N GLN A 412 -5.71 -8.08 -7.67
CA GLN A 412 -5.41 -9.29 -8.43
C GLN A 412 -4.50 -10.17 -7.61
N LYS A 413 -4.58 -11.48 -7.86
CA LYS A 413 -3.68 -12.43 -7.24
C LYS A 413 -3.74 -13.72 -8.04
N TRP A 414 -2.65 -14.47 -8.03
CA TRP A 414 -2.71 -15.82 -8.56
C TRP A 414 -1.94 -16.76 -7.67
N ALA A 415 -2.26 -18.04 -7.82
CA ALA A 415 -1.59 -19.11 -7.10
C ALA A 415 -1.30 -20.20 -8.12
N ALA A 416 -0.14 -20.86 -7.99
CA ALA A 416 0.21 -21.87 -8.97
C ALA A 416 0.64 -23.15 -8.25
N VAL A 417 0.44 -24.27 -8.93
CA VAL A 417 0.96 -25.55 -8.47
C VAL A 417 1.57 -26.26 -9.68
N VAL A 418 2.68 -26.94 -9.45
CA VAL A 418 3.32 -27.77 -10.46
C VAL A 418 2.78 -29.18 -10.26
N VAL A 419 2.31 -29.82 -11.33
CA VAL A 419 1.70 -31.14 -11.23
C VAL A 419 2.23 -32.04 -12.34
N PRO A 420 2.17 -33.35 -12.15
CA PRO A 420 2.49 -34.29 -13.24
C PRO A 420 1.47 -34.15 -14.36
N SER A 421 1.98 -34.02 -15.59
CA SER A 421 1.10 -33.94 -16.74
C SER A 421 0.17 -35.14 -16.77
N GLY A 422 -1.12 -34.89 -16.99
CA GLY A 422 -2.13 -35.92 -16.95
C GLY A 422 -2.89 -36.02 -15.63
N GLN A 423 -2.35 -35.43 -14.56
CA GLN A 423 -2.94 -35.50 -13.23
C GLN A 423 -3.61 -34.19 -12.83
N GLU A 424 -3.86 -33.30 -13.80
CA GLU A 424 -4.43 -32.00 -13.48
C GLU A 424 -5.71 -32.12 -12.67
N GLN A 425 -6.54 -33.12 -12.96
CA GLN A 425 -7.87 -33.13 -12.37
C GLN A 425 -7.89 -33.51 -10.89
N ARG A 426 -6.77 -34.04 -10.36
CA ARG A 426 -6.62 -34.25 -8.92
C ARG A 426 -6.62 -32.95 -8.12
N TYR A 427 -6.28 -31.84 -8.75
CA TYR A 427 -5.99 -30.60 -8.04
C TYR A 427 -7.15 -29.63 -8.14
N THR A 428 -7.39 -28.92 -7.04
CA THR A 428 -8.44 -27.93 -6.98
C THR A 428 -7.91 -26.67 -6.30
N CYS A 429 -8.32 -25.52 -6.83
CA CYS A 429 -7.99 -24.23 -6.25
C CYS A 429 -9.19 -23.76 -5.44
N HIS A 430 -8.94 -23.26 -4.24
CA HIS A 430 -9.99 -22.82 -3.33
C HIS A 430 -9.82 -21.34 -3.05
N VAL A 431 -10.88 -20.58 -3.31
CA VAL A 431 -10.84 -19.13 -3.26
C VAL A 431 -11.77 -18.67 -2.14
N GLN A 432 -11.20 -17.96 -1.17
CA GLN A 432 -11.96 -17.42 -0.05
C GLN A 432 -11.88 -15.91 -0.11
N HIS A 433 -13.04 -15.26 -0.17
CA HIS A 433 -13.09 -13.81 -0.25
C HIS A 433 -14.41 -13.36 0.37
N GLU A 434 -14.39 -12.25 1.10
CA GLU A 434 -15.64 -11.92 1.80
C GLU A 434 -16.76 -11.51 0.85
N GLY A 435 -16.46 -11.27 -0.43
CA GLY A 435 -17.51 -11.08 -1.41
C GLY A 435 -18.18 -12.35 -1.91
N LEU A 436 -17.72 -13.51 -1.44
CA LEU A 436 -18.28 -14.81 -1.81
C LEU A 436 -19.05 -15.37 -0.63
N PRO A 437 -20.34 -15.71 -0.78
CA PRO A 437 -21.05 -16.33 0.34
C PRO A 437 -20.45 -17.66 0.75
N LYS A 438 -19.85 -18.37 -0.20
CA LYS A 438 -19.20 -19.64 0.06
C LYS A 438 -17.93 -19.66 -0.78
N PRO A 439 -16.85 -20.24 -0.26
CA PRO A 439 -15.62 -20.34 -1.05
C PRO A 439 -15.86 -21.03 -2.40
N LEU A 440 -15.05 -20.64 -3.36
CA LEU A 440 -15.09 -21.17 -4.72
C LEU A 440 -14.10 -22.31 -4.86
N THR A 441 -14.50 -23.34 -5.60
CA THR A 441 -13.57 -24.40 -6.01
C THR A 441 -13.45 -24.39 -7.53
N LEU A 442 -12.23 -24.38 -8.01
CA LEU A 442 -11.92 -24.49 -9.43
C LEU A 442 -11.12 -25.75 -9.68
N ARG A 443 -11.37 -26.37 -10.82
CA ARG A 443 -10.68 -27.59 -11.23
C ARG A 443 -10.47 -27.54 -12.72
N TRP A 444 -9.29 -27.97 -13.16
CA TRP A 444 -8.98 -27.98 -14.59
C TRP A 444 -9.87 -28.97 -15.35
C1 GOL B . 2.85 12.70 17.83
O1 GOL B . 3.43 13.50 16.82
C2 GOL B . 1.41 13.12 18.09
O2 GOL B . 1.31 14.51 18.30
C3 GOL B . 0.55 12.70 16.89
O3 GOL B . -0.74 13.23 17.00
C1 GOL C . -5.28 -0.03 2.69
O1 GOL C . -4.53 0.93 3.40
C2 GOL C . -4.33 -0.77 1.78
O2 GOL C . -4.41 -2.14 2.05
C3 GOL C . -4.67 -0.54 0.32
O3 GOL C . -4.06 -1.54 -0.44
#